data_6VJ4
#
_entry.id   6VJ4
#
_cell.length_a   211.679
_cell.length_b   39.086
_cell.length_c   32.171
_cell.angle_alpha   90.000
_cell.angle_beta   94.830
_cell.angle_gamma   90.000
#
_symmetry.space_group_name_H-M   'C 1 2 1'
#
loop_
_entity.id
_entity.type
_entity.pdbx_description
1 polymer 'Peptidylprolyl isomerase PrsA'
2 water water
#
_entity_poly.entity_id   1
_entity_poly.type   'polypeptide(L)'
_entity_poly.pdbx_seq_one_letter_code
;(MSE)TVATATDSTITKSDFEKQLKDRYGKD(MSE)LYE(MSE)IAQDVITKKYKVSDDDVDKEVQKAKSQYGDQFKNVL
KNNGLKDEADFKNQIKFKLS(MSE)NKAIKQSVTEKDVKDHYKPEIKASHILVSDENEAKEIKKKLDTGASFEELAKQES
QDLLSKEKGGDLGYFHSGA(MSE)TPEFETAAYKLKIGQISDPVQSPNGYHIIKLTGKKDLKPYDEVKNSIRKNLEEERT
ADPIFGKKLLQSELKKANIKINDSELEDTFTIVSPQGNENLYFQ
;
_entity_poly.pdbx_strand_id   A
#
# COMPACT_ATOMS: atom_id res chain seq x y z
N ASP A 27 17.45 2.13 19.98
CA ASP A 27 17.29 3.62 20.00
C ASP A 27 18.22 4.23 18.95
N MSE A 28 19.39 4.73 19.39
CA MSE A 28 20.35 5.35 18.49
C MSE A 28 21.30 4.28 17.95
O MSE A 28 21.96 4.51 16.93
CB MSE A 28 21.13 6.45 19.23
CG MSE A 28 20.42 7.79 19.27
SE MSE A 28 19.86 8.40 17.49
CE MSE A 28 21.27 9.38 16.57
N LEU A 29 21.37 3.13 18.64
CA LEU A 29 22.22 2.04 18.20
C LEU A 29 21.45 1.20 17.17
N TYR A 30 20.18 0.89 17.45
CA TYR A 30 19.31 0.13 16.52
C TYR A 30 19.36 0.79 15.13
N GLU A 31 19.28 2.13 15.11
CA GLU A 31 19.31 2.92 13.86
C GLU A 31 20.60 2.61 13.09
N MSE A 32 21.74 2.81 13.76
CA MSE A 32 23.04 2.58 13.17
C MSE A 32 23.09 1.20 12.51
O MSE A 32 23.42 1.08 11.34
CB MSE A 32 24.13 2.70 14.24
CG MSE A 32 25.54 2.46 13.73
SE MSE A 32 26.82 2.58 15.21
CE MSE A 32 27.63 4.37 15.24
N ILE A 33 22.75 0.16 13.28
CA ILE A 33 22.78 -1.21 12.82
C ILE A 33 21.78 -1.40 11.66
N ALA A 34 20.50 -1.09 11.90
CA ALA A 34 19.45 -1.25 10.88
C ALA A 34 19.87 -0.55 9.58
N GLN A 35 20.45 0.64 9.68
CA GLN A 35 20.88 1.42 8.50
C GLN A 35 22.12 0.75 7.87
N ASP A 36 23.02 0.20 8.70
CA ASP A 36 24.25 -0.46 8.17
C ASP A 36 23.88 -1.68 7.32
N VAL A 37 22.91 -2.48 7.78
CA VAL A 37 22.49 -3.70 7.02
C VAL A 37 21.95 -3.28 5.65
N ILE A 38 21.03 -2.31 5.61
CA ILE A 38 20.42 -1.86 4.33
C ILE A 38 21.47 -1.18 3.44
N THR A 39 22.24 -0.24 4.00
CA THR A 39 23.23 0.53 3.21
C THR A 39 24.34 -0.39 2.68
N LYS A 40 24.63 -1.50 3.37
CA LYS A 40 25.70 -2.41 2.90
C LYS A 40 25.18 -3.29 1.76
N LYS A 41 23.94 -3.80 1.90
CA LYS A 41 23.36 -4.73 0.88
C LYS A 41 22.90 -3.94 -0.36
N TYR A 42 22.24 -2.80 -0.17
CA TYR A 42 21.71 -2.00 -1.29
C TYR A 42 22.58 -0.75 -1.45
N LYS A 43 23.68 -0.94 -2.19
CA LYS A 43 24.73 0.11 -2.36
C LYS A 43 24.26 1.25 -3.26
N VAL A 44 24.54 2.47 -2.81
CA VAL A 44 24.28 3.74 -3.55
C VAL A 44 25.61 4.51 -3.55
N SER A 45 25.96 5.15 -4.67
CA SER A 45 27.25 5.89 -4.79
C SER A 45 27.21 7.18 -3.95
N ASP A 46 28.36 7.59 -3.41
CA ASP A 46 28.45 8.86 -2.65
C ASP A 46 28.05 10.02 -3.57
N ASP A 47 28.27 9.87 -4.89
CA ASP A 47 27.88 10.91 -5.86
C ASP A 47 26.36 11.09 -5.82
N ASP A 48 25.62 9.97 -5.83
CA ASP A 48 24.13 10.01 -5.79
C ASP A 48 23.68 10.61 -4.45
N VAL A 49 24.35 10.26 -3.35
CA VAL A 49 24.00 10.76 -1.99
C VAL A 49 24.23 12.28 -1.95
N ASP A 50 25.42 12.72 -2.37
CA ASP A 50 25.80 14.15 -2.36
C ASP A 50 24.84 14.94 -3.24
N LYS A 51 24.42 14.39 -4.38
CA LYS A 51 23.47 15.11 -5.27
C LYS A 51 22.15 15.33 -4.53
N GLU A 52 21.69 14.33 -3.77
CA GLU A 52 20.41 14.46 -3.03
C GLU A 52 20.60 15.47 -1.89
N VAL A 53 21.80 15.51 -1.29
CA VAL A 53 22.11 16.48 -0.20
C VAL A 53 22.08 17.90 -0.77
N GLN A 54 22.71 18.10 -1.94
CA GLN A 54 22.78 19.45 -2.59
C GLN A 54 21.37 19.90 -2.99
N LYS A 55 20.51 18.96 -3.40
CA LYS A 55 19.13 19.32 -3.81
C LYS A 55 18.40 19.92 -2.60
N ALA A 56 18.75 19.46 -1.39
CA ALA A 56 18.13 19.98 -0.15
C ALA A 56 18.74 21.34 0.22
N LYS A 57 20.04 21.53 -0.05
CA LYS A 57 20.72 22.81 0.28
C LYS A 57 20.16 23.96 -0.58
N SER A 58 20.06 23.74 -1.89
CA SER A 58 19.52 24.79 -2.79
C SER A 58 18.02 24.99 -2.52
N GLN A 59 17.35 23.94 -2.04
CA GLN A 59 15.88 23.97 -1.77
C GLN A 59 15.57 24.90 -0.59
N TYR A 60 16.45 24.98 0.40
CA TYR A 60 16.18 25.83 1.61
C TYR A 60 17.17 26.99 1.69
N GLY A 61 18.37 26.83 1.12
CA GLY A 61 19.38 27.90 1.15
C GLY A 61 19.91 28.14 2.57
N ASP A 62 19.91 29.40 3.01
CA ASP A 62 20.44 29.79 4.35
C ASP A 62 19.56 29.20 5.47
N GLN A 63 18.43 28.57 5.13
CA GLN A 63 17.52 27.97 6.15
C GLN A 63 17.91 26.51 6.39
N PHE A 64 18.81 25.97 5.56
CA PHE A 64 19.23 24.54 5.63
C PHE A 64 19.51 24.14 7.08
N LYS A 65 20.31 24.93 7.80
CA LYS A 65 20.66 24.59 9.21
C LYS A 65 19.39 24.54 10.07
N ASN A 66 18.50 25.52 9.91
CA ASN A 66 17.23 25.57 10.70
C ASN A 66 16.37 24.34 10.40
N VAL A 67 16.00 24.13 9.12
CA VAL A 67 15.15 22.95 8.77
C VAL A 67 15.85 21.68 9.28
N LEU A 68 17.17 21.61 9.11
CA LEU A 68 17.99 20.47 9.59
C LEU A 68 17.87 20.39 11.13
N LYS A 69 17.93 21.54 11.80
CA LYS A 69 17.78 21.59 13.29
C LYS A 69 16.34 21.21 13.66
N ASN A 70 15.36 21.80 12.95
CA ASN A 70 13.91 21.56 13.20
C ASN A 70 13.56 20.09 12.92
N ASN A 71 14.25 19.46 11.98
CA ASN A 71 13.99 18.04 11.63
C ASN A 71 14.59 17.11 12.70
N GLY A 72 15.35 17.67 13.65
CA GLY A 72 15.95 16.87 14.73
C GLY A 72 17.19 16.12 14.25
N LEU A 73 18.04 16.81 13.48
CA LEU A 73 19.31 16.24 12.94
C LEU A 73 20.49 16.91 13.64
N LYS A 74 21.46 16.10 14.08
CA LYS A 74 22.67 16.58 14.82
C LYS A 74 23.40 17.64 13.98
N ASP A 75 23.90 17.24 12.80
CA ASP A 75 24.64 18.14 11.88
C ASP A 75 24.45 17.63 10.44
N GLU A 76 25.22 18.16 9.49
CA GLU A 76 25.08 17.78 8.06
C GLU A 76 25.51 16.32 7.85
N ALA A 77 26.44 15.83 8.68
CA ALA A 77 26.91 14.42 8.58
C ALA A 77 25.73 13.48 8.89
N ASP A 78 24.92 13.82 9.91
CA ASP A 78 23.74 13.02 10.30
C ASP A 78 22.76 13.01 9.12
N PHE A 79 22.47 14.18 8.55
CA PHE A 79 21.56 14.32 7.38
C PHE A 79 22.02 13.41 6.24
N LYS A 80 23.29 13.53 5.85
CA LYS A 80 23.88 12.71 4.75
C LYS A 80 23.62 11.23 5.04
N ASN A 81 23.93 10.77 6.26
CA ASN A 81 23.70 9.34 6.62
C ASN A 81 22.21 9.00 6.50
N GLN A 82 21.32 9.97 6.76
CA GLN A 82 19.86 9.69 6.66
C GLN A 82 19.46 9.62 5.18
N ILE A 83 20.11 10.44 4.34
CA ILE A 83 19.84 10.43 2.87
C ILE A 83 20.41 9.13 2.28
N LYS A 84 21.62 8.74 2.70
CA LYS A 84 22.22 7.46 2.24
C LYS A 84 21.24 6.33 2.56
N PHE A 85 20.64 6.35 3.75
CA PHE A 85 19.68 5.30 4.16
C PHE A 85 18.42 5.34 3.26
N LYS A 86 17.85 6.54 3.08
CA LYS A 86 16.62 6.69 2.25
C LYS A 86 16.85 6.13 0.85
N LEU A 87 17.96 6.53 0.20
CA LEU A 87 18.26 6.07 -1.18
C LEU A 87 18.48 4.55 -1.19
N SER A 88 19.17 4.01 -0.19
CA SER A 88 19.40 2.54 -0.13
C SER A 88 18.08 1.81 0.08
N MSE A 89 17.20 2.40 0.89
CA MSE A 89 15.89 1.81 1.16
C MSE A 89 15.05 1.85 -0.11
O MSE A 89 14.34 0.89 -0.41
CB MSE A 89 15.21 2.56 2.31
CG MSE A 89 14.05 1.82 2.92
SE MSE A 89 14.62 0.07 3.57
CE MSE A 89 14.54 -0.04 5.52
N ASN A 90 15.11 2.97 -0.84
CA ASN A 90 14.36 3.12 -2.09
C ASN A 90 14.81 2.04 -3.07
N LYS A 91 16.12 1.79 -3.14
CA LYS A 91 16.66 0.76 -4.07
C LYS A 91 16.19 -0.62 -3.62
N ALA A 92 16.16 -0.86 -2.30
CA ALA A 92 15.72 -2.16 -1.74
C ALA A 92 14.23 -2.39 -2.07
N ILE A 93 13.42 -1.34 -1.92
CA ILE A 93 11.95 -1.47 -2.20
C ILE A 93 11.77 -1.70 -3.70
N LYS A 94 12.56 -1.02 -4.53
CA LYS A 94 12.45 -1.20 -6.00
C LYS A 94 12.85 -2.64 -6.36
N GLN A 95 13.86 -3.21 -5.68
CA GLN A 95 14.30 -4.59 -5.99
C GLN A 95 13.34 -5.61 -5.35
N SER A 96 12.53 -5.21 -4.37
CA SER A 96 11.58 -6.15 -3.72
C SER A 96 10.49 -6.57 -4.73
N VAL A 97 10.32 -5.82 -5.80
CA VAL A 97 9.24 -6.14 -6.78
C VAL A 97 9.78 -7.18 -7.78
N THR A 98 9.27 -8.41 -7.68
CA THR A 98 9.73 -9.53 -8.54
C THR A 98 8.79 -9.66 -9.75
N GLU A 99 9.25 -10.35 -10.79
CA GLU A 99 8.40 -10.58 -11.99
C GLU A 99 7.12 -11.29 -11.53
N LYS A 100 7.23 -12.20 -10.54
CA LYS A 100 6.04 -12.90 -10.01
C LYS A 100 5.08 -11.87 -9.39
N ASP A 101 5.60 -10.90 -8.63
CA ASP A 101 4.75 -9.84 -8.05
C ASP A 101 4.02 -9.11 -9.18
N VAL A 102 4.73 -8.78 -10.26
CA VAL A 102 4.06 -8.06 -11.39
C VAL A 102 2.96 -8.96 -11.97
N LYS A 103 3.28 -10.22 -12.24
CA LYS A 103 2.27 -11.15 -12.83
C LYS A 103 1.09 -11.31 -11.84
N ASP A 104 1.34 -11.33 -10.53
CA ASP A 104 0.26 -11.51 -9.53
C ASP A 104 -0.68 -10.31 -9.51
N HIS A 105 -0.26 -9.17 -10.07
CA HIS A 105 -1.10 -7.94 -10.10
C HIS A 105 -1.64 -7.72 -11.51
N TYR A 106 -1.48 -8.69 -12.39
CA TYR A 106 -2.03 -8.55 -13.77
C TYR A 106 -3.49 -8.98 -13.72
N LYS A 107 -4.34 -8.01 -13.44
CA LYS A 107 -5.80 -8.22 -13.34
C LYS A 107 -6.51 -7.00 -13.87
N PRO A 108 -7.74 -7.17 -14.38
CA PRO A 108 -8.52 -6.03 -14.85
C PRO A 108 -8.86 -5.07 -13.71
N GLU A 109 -8.90 -3.78 -14.02
CA GLU A 109 -9.41 -2.77 -13.08
C GLU A 109 -10.88 -3.14 -12.83
N ILE A 110 -11.32 -3.09 -11.57
CA ILE A 110 -12.73 -3.45 -11.25
C ILE A 110 -13.37 -2.32 -10.45
N LYS A 111 -14.69 -2.26 -10.55
CA LYS A 111 -15.46 -1.31 -9.74
C LYS A 111 -16.32 -2.15 -8.81
N ALA A 112 -16.36 -1.73 -7.56
CA ALA A 112 -17.19 -2.47 -6.59
C ALA A 112 -17.78 -1.50 -5.58
N SER A 113 -18.84 -1.96 -4.95
CA SER A 113 -19.39 -1.25 -3.78
C SER A 113 -19.22 -2.16 -2.57
N HIS A 114 -19.21 -1.60 -1.37
CA HIS A 114 -19.16 -2.51 -0.20
C HIS A 114 -19.86 -1.83 0.99
N ILE A 115 -20.23 -2.70 1.91
CA ILE A 115 -20.72 -2.28 3.25
C ILE A 115 -19.77 -2.90 4.26
N LEU A 116 -19.16 -2.07 5.11
CA LEU A 116 -18.22 -2.54 6.15
C LEU A 116 -18.89 -2.48 7.52
N VAL A 117 -18.90 -3.60 8.23
CA VAL A 117 -19.46 -3.67 9.61
C VAL A 117 -18.46 -4.41 10.51
N SER A 118 -18.52 -4.18 11.82
CA SER A 118 -17.50 -4.84 12.68
C SER A 118 -18.02 -6.20 13.18
N ASP A 119 -19.34 -6.33 13.24
CA ASP A 119 -19.99 -7.54 13.84
C ASP A 119 -20.35 -8.49 12.70
N GLU A 120 -19.87 -9.74 12.76
CA GLU A 120 -20.13 -10.77 11.71
C GLU A 120 -21.63 -11.08 11.61
N ASN A 121 -22.34 -11.13 12.74
CA ASN A 121 -23.80 -11.41 12.65
C ASN A 121 -24.46 -10.23 11.93
N GLU A 122 -24.00 -9.00 12.19
CA GLU A 122 -24.59 -7.82 11.52
C GLU A 122 -24.35 -7.94 10.00
N ALA A 123 -23.20 -8.45 9.60
CA ALA A 123 -22.90 -8.63 8.15
C ALA A 123 -23.82 -9.70 7.56
N LYS A 124 -24.07 -10.77 8.31
CA LYS A 124 -24.98 -11.84 7.82
C LYS A 124 -26.40 -11.26 7.70
N GLU A 125 -26.82 -10.43 8.65
CA GLU A 125 -28.19 -9.87 8.60
C GLU A 125 -28.27 -8.88 7.44
N ILE A 126 -27.17 -8.15 7.15
CA ILE A 126 -27.18 -7.23 5.97
C ILE A 126 -27.34 -8.07 4.70
N LYS A 127 -26.59 -9.17 4.59
CA LYS A 127 -26.68 -10.05 3.39
C LYS A 127 -28.13 -10.54 3.21
N LYS A 128 -28.75 -10.98 4.30
CA LYS A 128 -30.16 -11.47 4.26
C LYS A 128 -31.09 -10.41 3.68
N LYS A 129 -30.90 -9.14 4.06
CA LYS A 129 -31.77 -8.03 3.58
C LYS A 129 -31.51 -7.77 2.10
N LEU A 130 -30.25 -7.71 1.69
CA LEU A 130 -29.93 -7.50 0.26
C LEU A 130 -30.50 -8.65 -0.59
N ASP A 131 -30.51 -9.88 -0.07
CA ASP A 131 -31.00 -11.03 -0.86
C ASP A 131 -32.50 -10.90 -1.14
N THR A 132 -33.21 -10.12 -0.31
N THR A 132 -33.24 -10.13 -0.35
CA THR A 132 -34.68 -9.89 -0.44
CA THR A 132 -34.70 -10.02 -0.64
C THR A 132 -34.96 -8.79 -1.48
C THR A 132 -34.99 -8.77 -1.48
N GLY A 133 -33.94 -7.99 -1.84
CA GLY A 133 -34.10 -6.86 -2.77
C GLY A 133 -33.86 -5.50 -2.13
N ALA A 134 -33.55 -5.47 -0.83
CA ALA A 134 -33.26 -4.18 -0.16
C ALA A 134 -32.21 -3.39 -0.96
N SER A 135 -32.30 -2.05 -0.92
CA SER A 135 -31.33 -1.19 -1.63
C SER A 135 -29.91 -1.32 -1.03
N PHE A 136 -28.94 -1.74 -1.85
CA PHE A 136 -27.52 -1.77 -1.42
C PHE A 136 -27.05 -0.36 -1.04
N GLU A 137 -27.39 0.62 -1.88
CA GLU A 137 -26.90 2.00 -1.65
C GLU A 137 -27.47 2.54 -0.34
N GLU A 138 -28.76 2.34 -0.10
CA GLU A 138 -29.36 2.90 1.14
C GLU A 138 -28.82 2.17 2.37
N LEU A 139 -28.65 0.84 2.29
CA LEU A 139 -28.08 0.12 3.46
C LEU A 139 -26.63 0.57 3.69
N ALA A 140 -25.89 0.86 2.64
CA ALA A 140 -24.51 1.32 2.83
C ALA A 140 -24.53 2.69 3.51
N LYS A 141 -25.42 3.56 3.06
CA LYS A 141 -25.50 4.93 3.63
C LYS A 141 -25.86 4.85 5.11
N GLN A 142 -26.66 3.87 5.49
CA GLN A 142 -27.10 3.77 6.89
C GLN A 142 -26.07 3.00 7.73
N GLU A 143 -25.57 1.86 7.24
CA GLU A 143 -24.82 0.93 8.13
C GLU A 143 -23.33 0.86 7.87
N SER A 144 -22.84 1.34 6.71
CA SER A 144 -21.40 1.11 6.47
C SER A 144 -20.53 1.95 7.41
N GLN A 145 -19.46 1.33 7.92
CA GLN A 145 -18.47 2.01 8.78
C GLN A 145 -17.37 2.64 7.92
N ASP A 146 -17.38 2.40 6.60
CA ASP A 146 -16.31 2.95 5.73
C ASP A 146 -16.72 4.37 5.34
N LEU A 147 -16.19 5.36 6.06
CA LEU A 147 -16.61 6.77 5.80
C LEU A 147 -16.20 7.20 4.38
N LEU A 148 -15.15 6.62 3.82
CA LEU A 148 -14.71 7.06 2.46
C LEU A 148 -15.75 6.72 1.38
N SER A 149 -16.59 5.71 1.59
CA SER A 149 -17.53 5.25 0.53
C SER A 149 -19.00 5.25 0.97
N LYS A 150 -19.27 5.36 2.27
CA LYS A 150 -20.68 5.15 2.67
C LYS A 150 -21.62 6.22 2.06
N GLU A 151 -21.18 7.46 1.86
CA GLU A 151 -22.13 8.48 1.32
C GLU A 151 -22.28 8.33 -0.19
N LYS A 152 -21.48 7.46 -0.79
CA LYS A 152 -21.62 7.16 -2.23
C LYS A 152 -22.39 5.83 -2.35
N GLY A 153 -23.12 5.45 -1.30
CA GLY A 153 -23.84 4.18 -1.36
C GLY A 153 -22.89 2.99 -1.40
N GLY A 154 -21.69 3.18 -0.86
CA GLY A 154 -20.70 2.08 -0.79
C GLY A 154 -19.81 1.99 -2.03
N ASP A 155 -20.03 2.85 -3.03
CA ASP A 155 -19.23 2.80 -4.28
C ASP A 155 -17.77 3.18 -4.02
N LEU A 156 -16.83 2.31 -4.43
CA LEU A 156 -15.37 2.52 -4.26
C LEU A 156 -14.79 3.06 -5.56
N GLY A 157 -15.60 3.06 -6.62
CA GLY A 157 -15.11 3.43 -7.97
C GLY A 157 -14.20 2.34 -8.51
N TYR A 158 -13.57 2.59 -9.66
CA TYR A 158 -12.63 1.61 -10.24
C TYR A 158 -11.29 1.65 -9.49
N PHE A 159 -10.72 0.47 -9.25
CA PHE A 159 -9.41 0.34 -8.58
C PHE A 159 -8.66 -0.82 -9.19
N HIS A 160 -7.33 -0.76 -9.10
N HIS A 160 -7.32 -0.75 -9.12
CA HIS A 160 -6.48 -1.85 -9.63
CA HIS A 160 -6.43 -1.81 -9.66
C HIS A 160 -6.11 -2.85 -8.53
C HIS A 160 -6.02 -2.79 -8.56
N SER A 161 -5.61 -3.99 -8.95
CA SER A 161 -5.07 -5.00 -8.03
C SER A 161 -4.02 -4.33 -7.14
N GLY A 162 -4.05 -4.62 -5.85
CA GLY A 162 -3.10 -4.02 -4.89
C GLY A 162 -3.67 -2.81 -4.18
N ALA A 163 -4.82 -2.28 -4.62
CA ALA A 163 -5.41 -1.07 -4.00
C ALA A 163 -6.11 -1.37 -2.68
N MSE A 164 -6.80 -2.50 -2.61
CA MSE A 164 -7.53 -2.89 -1.42
C MSE A 164 -6.73 -3.96 -0.68
O MSE A 164 -5.68 -4.39 -1.14
CB MSE A 164 -8.92 -3.42 -1.79
CG MSE A 164 -9.78 -2.47 -2.60
SE MSE A 164 -10.28 -0.91 -1.55
CE MSE A 164 -11.72 -1.40 -0.31
N THR A 165 -7.24 -4.38 0.48
CA THR A 165 -6.59 -5.44 1.24
C THR A 165 -6.68 -6.74 0.45
N PRO A 166 -5.70 -7.65 0.55
CA PRO A 166 -5.72 -8.91 -0.18
C PRO A 166 -7.01 -9.69 0.08
N GLU A 167 -7.48 -9.72 1.34
CA GLU A 167 -8.74 -10.43 1.66
C GLU A 167 -9.90 -9.85 0.84
N PHE A 168 -9.97 -8.53 0.80
CA PHE A 168 -11.08 -7.88 0.06
C PHE A 168 -10.93 -8.18 -1.45
N GLU A 169 -9.71 -8.01 -1.92
N GLU A 169 -9.72 -8.01 -1.97
CA GLU A 169 -9.42 -8.20 -3.36
CA GLU A 169 -9.54 -8.20 -3.44
C GLU A 169 -9.75 -9.62 -3.80
C GLU A 169 -9.75 -9.66 -3.84
N THR A 170 -9.33 -10.61 -3.00
CA THR A 170 -9.54 -12.04 -3.34
C THR A 170 -11.03 -12.29 -3.54
N ALA A 171 -11.84 -11.77 -2.61
CA ALA A 171 -13.29 -11.98 -2.72
C ALA A 171 -13.89 -11.24 -3.90
N ALA A 172 -13.49 -9.98 -4.10
CA ALA A 172 -14.07 -9.13 -5.16
C ALA A 172 -13.85 -9.75 -6.53
N TYR A 173 -12.66 -10.28 -6.77
CA TYR A 173 -12.35 -10.80 -8.13
C TYR A 173 -13.06 -12.14 -8.37
N LYS A 174 -13.56 -12.80 -7.33
CA LYS A 174 -14.31 -14.07 -7.53
C LYS A 174 -15.75 -13.78 -7.95
N LEU A 175 -16.24 -12.57 -7.70
CA LEU A 175 -17.66 -12.25 -8.01
C LEU A 175 -17.90 -12.06 -9.51
N LYS A 176 -19.15 -12.24 -9.89
CA LYS A 176 -19.68 -11.91 -11.23
C LYS A 176 -20.33 -10.52 -11.12
N ILE A 177 -20.35 -9.76 -12.22
CA ILE A 177 -21.01 -8.42 -12.18
C ILE A 177 -22.41 -8.58 -11.57
N GLY A 178 -22.70 -7.72 -10.60
CA GLY A 178 -24.01 -7.67 -9.92
C GLY A 178 -24.10 -8.61 -8.75
N GLN A 179 -23.12 -9.50 -8.56
CA GLN A 179 -23.20 -10.49 -7.49
C GLN A 179 -22.76 -9.87 -6.16
N ILE A 180 -23.42 -10.29 -5.09
CA ILE A 180 -23.10 -9.81 -3.71
C ILE A 180 -22.42 -10.94 -2.95
N SER A 181 -21.34 -10.62 -2.26
CA SER A 181 -20.58 -11.62 -1.49
C SER A 181 -21.26 -11.95 -0.17
N ASP A 182 -20.88 -13.11 0.36
CA ASP A 182 -21.17 -13.38 1.80
C ASP A 182 -20.18 -12.52 2.57
N PRO A 183 -20.26 -12.44 3.91
CA PRO A 183 -19.34 -11.62 4.69
C PRO A 183 -17.90 -12.04 4.46
N VAL A 184 -17.07 -11.05 4.17
CA VAL A 184 -15.62 -11.21 3.92
C VAL A 184 -14.86 -10.58 5.07
N GLN A 185 -14.11 -11.38 5.80
CA GLN A 185 -13.33 -10.83 6.93
C GLN A 185 -12.06 -10.18 6.40
N SER A 186 -11.78 -8.98 6.91
CA SER A 186 -10.50 -8.30 6.60
C SER A 186 -10.04 -7.63 7.89
N PRO A 187 -8.82 -7.07 7.94
CA PRO A 187 -8.35 -6.40 9.15
C PRO A 187 -9.27 -5.23 9.54
N ASN A 188 -10.08 -4.75 8.58
CA ASN A 188 -10.98 -3.58 8.79
C ASN A 188 -12.34 -4.03 9.38
N GLY A 189 -12.66 -5.33 9.29
CA GLY A 189 -13.94 -5.83 9.82
C GLY A 189 -14.56 -6.83 8.85
N TYR A 190 -15.88 -6.77 8.64
CA TYR A 190 -16.52 -7.69 7.68
C TYR A 190 -17.13 -6.87 6.56
N HIS A 191 -16.91 -7.32 5.32
CA HIS A 191 -17.40 -6.59 4.14
C HIS A 191 -18.47 -7.40 3.42
N ILE A 192 -19.51 -6.70 2.99
CA ILE A 192 -20.43 -7.27 1.99
C ILE A 192 -20.04 -6.54 0.71
N ILE A 193 -19.65 -7.29 -0.31
CA ILE A 193 -19.09 -6.68 -1.55
C ILE A 193 -20.02 -6.95 -2.74
N LYS A 194 -20.20 -5.94 -3.57
CA LYS A 194 -20.96 -6.10 -4.82
C LYS A 194 -20.05 -5.69 -5.98
N LEU A 195 -19.82 -6.59 -6.94
CA LEU A 195 -19.00 -6.19 -8.09
C LEU A 195 -19.87 -5.42 -9.08
N THR A 196 -19.43 -4.26 -9.57
CA THR A 196 -20.33 -3.48 -10.44
C THR A 196 -19.69 -3.14 -11.78
N GLY A 197 -18.41 -3.43 -11.94
CA GLY A 197 -17.73 -3.12 -13.21
C GLY A 197 -16.43 -3.88 -13.36
N LYS A 198 -16.05 -4.13 -14.61
CA LYS A 198 -14.76 -4.79 -14.88
C LYS A 198 -14.29 -4.25 -16.23
N LYS A 199 -13.06 -3.73 -16.25
N LYS A 199 -13.13 -3.61 -16.27
CA LYS A 199 -12.48 -3.15 -17.49
CA LYS A 199 -12.66 -3.08 -17.58
C LYS A 199 -11.76 -4.20 -18.32
C LYS A 199 -11.95 -4.20 -18.35
N ASP A 200 -11.67 -3.92 -19.63
CA ASP A 200 -10.90 -4.79 -20.52
C ASP A 200 -9.46 -4.78 -20.03
N LEU A 201 -8.73 -5.87 -20.25
CA LEU A 201 -7.33 -5.95 -19.81
C LEU A 201 -6.44 -6.07 -21.06
N LYS A 202 -5.47 -5.18 -21.18
N LYS A 202 -5.46 -5.17 -21.19
CA LYS A 202 -4.52 -5.22 -22.32
CA LYS A 202 -4.53 -5.22 -22.34
C LYS A 202 -3.56 -6.38 -22.10
C LYS A 202 -3.55 -6.36 -22.10
N PRO A 203 -2.82 -6.81 -23.14
CA PRO A 203 -1.88 -7.91 -22.98
C PRO A 203 -0.80 -7.56 -21.95
N TYR A 204 -0.33 -8.58 -21.25
CA TYR A 204 0.67 -8.44 -20.18
C TYR A 204 1.87 -7.58 -20.62
N ASP A 205 2.47 -7.89 -21.75
CA ASP A 205 3.68 -7.16 -22.20
C ASP A 205 3.37 -5.67 -22.37
N GLU A 206 2.13 -5.33 -22.65
CA GLU A 206 1.74 -3.93 -22.91
C GLU A 206 1.63 -3.17 -21.60
N VAL A 207 1.28 -3.84 -20.49
CA VAL A 207 1.03 -3.12 -19.21
C VAL A 207 2.00 -3.50 -18.07
N LYS A 208 2.89 -4.48 -18.27
CA LYS A 208 3.74 -4.95 -17.12
C LYS A 208 4.64 -3.80 -16.59
N ASN A 209 5.14 -2.92 -17.46
CA ASN A 209 6.01 -1.81 -16.96
C ASN A 209 5.21 -0.93 -15.98
N SER A 210 3.94 -0.66 -16.31
CA SER A 210 3.07 0.21 -15.46
C SER A 210 2.71 -0.50 -14.15
N ILE A 211 2.42 -1.80 -14.20
CA ILE A 211 2.13 -2.55 -12.95
C ILE A 211 3.34 -2.47 -12.02
N ARG A 212 4.54 -2.67 -12.57
CA ARG A 212 5.78 -2.64 -11.75
C ARG A 212 5.94 -1.25 -11.14
N LYS A 213 5.75 -0.21 -11.94
CA LYS A 213 5.88 1.20 -11.45
C LYS A 213 4.89 1.42 -10.29
N ASN A 214 3.64 0.97 -10.45
CA ASN A 214 2.58 1.12 -9.42
C ASN A 214 2.99 0.37 -8.14
N LEU A 215 3.51 -0.85 -8.27
CA LEU A 215 3.90 -1.61 -7.04
C LEU A 215 5.09 -0.91 -6.38
N GLU A 216 6.04 -0.41 -7.18
CA GLU A 216 7.23 0.29 -6.64
C GLU A 216 6.73 1.49 -5.81
N GLU A 217 5.89 2.33 -6.41
CA GLU A 217 5.35 3.56 -5.75
C GLU A 217 4.56 3.19 -4.49
N GLU A 218 3.61 2.26 -4.59
N GLU A 218 3.61 2.24 -4.60
CA GLU A 218 2.76 1.86 -3.42
CA GLU A 218 2.76 1.80 -3.48
C GLU A 218 3.63 1.34 -2.28
C GLU A 218 3.64 1.35 -2.30
N ARG A 219 4.63 0.51 -2.57
CA ARG A 219 5.51 -0.05 -1.50
C ARG A 219 6.40 1.06 -0.92
N THR A 220 6.80 2.03 -1.73
CA THR A 220 7.68 3.14 -1.25
C THR A 220 6.88 4.10 -0.37
N ALA A 221 5.62 4.36 -0.73
CA ALA A 221 4.76 5.30 0.03
C ALA A 221 4.13 4.60 1.24
N ASP A 222 4.44 3.31 1.45
CA ASP A 222 3.84 2.52 2.56
C ASP A 222 4.89 2.31 3.64
N PRO A 223 4.76 2.96 4.82
CA PRO A 223 5.73 2.78 5.91
C PRO A 223 5.68 1.34 6.45
N ILE A 224 4.48 0.75 6.53
CA ILE A 224 4.29 -0.65 7.02
C ILE A 224 5.17 -1.60 6.21
N PHE A 225 5.14 -1.48 4.87
CA PHE A 225 5.95 -2.38 4.00
C PHE A 225 7.46 -2.14 4.23
N GLY A 226 7.91 -0.90 4.11
CA GLY A 226 9.33 -0.55 4.27
C GLY A 226 9.91 -1.02 5.59
N LYS A 227 9.07 -1.14 6.63
CA LYS A 227 9.52 -1.57 7.98
C LYS A 227 9.49 -3.10 8.06
N LYS A 228 8.48 -3.75 7.47
CA LYS A 228 8.43 -5.24 7.46
C LYS A 228 9.62 -5.74 6.61
N LEU A 229 10.05 -4.94 5.64
CA LEU A 229 11.20 -5.29 4.77
C LEU A 229 12.49 -5.18 5.58
N LEU A 230 12.55 -4.23 6.50
CA LEU A 230 13.76 -4.06 7.36
C LEU A 230 13.85 -5.26 8.33
N GLN A 231 12.75 -5.60 9.00
CA GLN A 231 12.72 -6.74 9.96
C GLN A 231 13.12 -8.04 9.26
N SER A 232 12.62 -8.26 8.04
CA SER A 232 12.94 -9.50 7.29
C SER A 232 14.42 -9.49 6.89
N GLU A 233 14.95 -8.32 6.52
CA GLU A 233 16.37 -8.19 6.08
C GLU A 233 17.29 -8.51 7.27
N LEU A 234 16.97 -7.98 8.46
CA LEU A 234 17.77 -8.30 9.67
C LEU A 234 17.68 -9.80 9.95
N LYS A 235 16.48 -10.38 9.78
CA LYS A 235 16.24 -11.84 10.02
C LYS A 235 17.07 -12.66 9.03
N LYS A 236 17.13 -12.24 7.76
CA LYS A 236 17.94 -12.97 6.75
C LYS A 236 19.42 -12.91 7.16
N ALA A 237 19.80 -11.85 7.89
CA ALA A 237 21.20 -11.66 8.35
C ALA A 237 21.41 -12.34 9.72
N ASN A 238 20.38 -13.01 10.26
CA ASN A 238 20.47 -13.72 11.57
C ASN A 238 20.77 -12.71 12.68
N ILE A 239 19.85 -11.75 12.90
CA ILE A 239 20.01 -10.68 13.93
C ILE A 239 18.63 -10.42 14.56
N LYS A 240 18.51 -10.58 15.88
CA LYS A 240 17.23 -10.32 16.59
C LYS A 240 17.35 -9.02 17.40
N ILE A 241 16.47 -8.05 17.11
CA ILE A 241 16.47 -6.73 17.81
C ILE A 241 15.03 -6.43 18.26
N ASN A 242 14.86 -5.41 19.13
CA ASN A 242 13.53 -5.02 19.66
C ASN A 242 13.07 -3.74 18.96
N ASP A 243 11.76 -3.60 18.71
CA ASP A 243 11.17 -2.40 18.06
C ASP A 243 11.24 -1.22 19.04
#